data_6JQZ
#
_entry.id   6JQZ
#
_cell.length_a   74.680
_cell.length_b   91.380
_cell.length_c   113.000
_cell.angle_alpha   90.00
_cell.angle_beta   90.00
_cell.angle_gamma   90.00
#
_symmetry.space_group_name_H-M   'P 21 21 21'
#
loop_
_entity.id
_entity.type
_entity.pdbx_description
1 polymer 'Zearalenone hydrolase'
2 non-polymer (3S,11E)-14,16-dihydroxy-3-methyl-3,4,5,6,9,10-hexahydro-1H-2-benzoxacyclotetradecine-1,7(8H)-dione
3 non-polymer GLYCEROL
4 water water
#
_entity_poly.entity_id   1
_entity_poly.type   'polypeptide(L)'
_entity_poly.pdbx_seq_one_letter_code
;MRTRSTISTPNGITWYYEQEGTGPDIVLVPDGLGECQMFDSSVSQIAAQGFRVTTFDMPGMSRSAKAPAETYTEVTAQKL
ASYVISILDALDIKHATVWGCSSGASTVVALLLGYPDRIRNAMCHELPTKLLDHLSNTAVLEDEEISNILANVMLNDVSG
GSEAWQALGVEVHARLHKNYPVWARGYPRTIPPSAPVQDVEALRGKPLDWTVGAATPTESFFDNIVTATKAGVNIGLLPG
MAFPYVSHPDVFAKYVVETTQKHLWNSSSVDKLAAALEHHHHHH
;
_entity_poly.pdbx_strand_id   A,B
#
loop_
_chem_comp.id
_chem_comp.type
_chem_comp.name
_chem_comp.formula
GOL non-polymer GLYCEROL 'C3 H8 O3'
ZER non-polymer (3S,11E)-14,16-dihydroxy-3-methyl-3,4,5,6,9,10-hexahydro-1H-2-benzoxacyclotetradecine-1,7(8H)-dione 'C18 H22 O5'
#
# COMPACT_ATOMS: atom_id res chain seq x y z
N MET A 1 -28.80 25.95 10.01
CA MET A 1 -27.47 25.92 10.61
C MET A 1 -27.35 24.77 11.63
N ARG A 2 -26.28 24.81 12.39
CA ARG A 2 -25.90 23.60 13.11
C ARG A 2 -26.28 23.54 14.59
N THR A 3 -26.91 22.43 14.95
CA THR A 3 -27.16 22.10 16.37
C THR A 3 -25.87 21.64 17.04
N ARG A 4 -25.51 22.25 18.17
CA ARG A 4 -24.37 21.85 19.00
C ARG A 4 -24.91 21.69 20.41
N SER A 5 -24.96 20.47 20.92
CA SER A 5 -25.54 20.22 22.25
C SER A 5 -24.92 19.00 22.90
N THR A 6 -25.54 18.56 24.00
CA THR A 6 -25.13 17.36 24.76
C THR A 6 -26.36 16.50 24.99
N ILE A 7 -26.13 15.19 25.10
CA ILE A 7 -27.18 14.19 25.37
C ILE A 7 -26.58 13.08 26.24
N SER A 8 -27.33 12.64 27.25
CA SER A 8 -26.86 11.59 28.19
C SER A 8 -27.55 10.30 27.82
N THR A 9 -26.79 9.22 27.73
CA THR A 9 -27.34 7.90 27.39
C THR A 9 -27.33 7.07 28.68
N PRO A 10 -28.21 6.07 28.80
CA PRO A 10 -28.27 5.27 30.03
C PRO A 10 -27.02 4.47 30.39
N ASN A 11 -25.99 4.47 29.55
CA ASN A 11 -24.71 3.79 29.88
C ASN A 11 -23.81 4.76 30.65
N GLY A 12 -24.29 5.96 30.99
CA GLY A 12 -23.53 6.90 31.81
C GLY A 12 -22.72 7.90 31.00
N ILE A 13 -22.81 7.86 29.68
CA ILE A 13 -22.02 8.79 28.83
C ILE A 13 -22.81 10.08 28.68
N THR A 14 -22.16 11.24 28.88
CA THR A 14 -22.67 12.53 28.38
C THR A 14 -21.90 12.89 27.11
N TRP A 15 -22.57 12.78 25.97
CA TRP A 15 -21.99 13.04 24.63
C TRP A 15 -22.10 14.50 24.27
N TYR A 16 -21.04 15.07 23.73
CA TYR A 16 -21.09 16.28 22.88
C TYR A 16 -21.40 15.81 21.44
N TYR A 17 -22.37 16.43 20.80
CA TYR A 17 -22.82 16.05 19.46
C TYR A 17 -23.18 17.30 18.66
N GLU A 18 -23.14 17.13 17.35
CA GLU A 18 -23.47 18.16 16.35
C GLU A 18 -24.40 17.53 15.31
N GLN A 19 -25.26 18.34 14.73
CA GLN A 19 -26.26 17.85 13.77
C GLN A 19 -26.61 19.01 12.82
N GLU A 20 -26.63 18.74 11.53
CA GLU A 20 -27.05 19.75 10.52
C GLU A 20 -27.81 19.01 9.44
N GLY A 21 -28.86 19.63 8.93
CA GLY A 21 -29.50 19.19 7.69
C GLY A 21 -30.78 18.45 7.93
N THR A 22 -31.50 18.14 6.88
CA THR A 22 -32.65 17.20 6.92
C THR A 22 -32.54 16.26 5.72
N GLY A 23 -33.11 15.06 5.87
CA GLY A 23 -33.04 14.00 4.88
C GLY A 23 -32.57 12.72 5.54
N PRO A 24 -32.16 11.72 4.73
CA PRO A 24 -31.61 10.48 5.24
C PRO A 24 -30.38 10.72 6.14
N ASP A 25 -30.22 9.89 7.16
CA ASP A 25 -29.21 10.14 8.21
C ASP A 25 -27.84 9.64 7.73
N ILE A 26 -26.82 10.44 7.95
CA ILE A 26 -25.40 10.09 7.74
C ILE A 26 -24.71 10.42 9.07
N VAL A 27 -23.97 9.47 9.59
CA VAL A 27 -23.30 9.55 10.92
C VAL A 27 -21.80 9.39 10.72
N LEU A 28 -21.04 10.41 11.12
CA LEU A 28 -19.58 10.45 10.96
C LEU A 28 -18.97 10.10 12.31
N VAL A 29 -18.44 8.88 12.41
CA VAL A 29 -17.81 8.39 13.68
C VAL A 29 -16.34 8.82 13.66
N PRO A 30 -15.82 9.52 14.67
CA PRO A 30 -14.41 9.86 14.70
C PRO A 30 -13.45 8.64 14.75
N ASP A 31 -12.21 8.92 14.35
CA ASP A 31 -11.03 8.07 14.62
C ASP A 31 -10.81 8.01 16.15
N GLY A 32 -9.79 7.28 16.57
CA GLY A 32 -9.51 7.04 18.01
C GLY A 32 -9.37 8.32 18.84
N LEU A 33 -8.93 9.42 18.26
CA LEU A 33 -8.73 10.66 19.00
C LEU A 33 -10.08 11.27 19.39
N GLY A 34 -11.19 10.81 18.79
CA GLY A 34 -12.55 11.11 19.30
C GLY A 34 -12.98 12.55 19.12
N GLU A 35 -12.38 13.28 18.17
CA GLU A 35 -12.54 14.76 18.04
C GLU A 35 -13.42 15.10 16.82
N CYS A 36 -14.67 15.52 17.02
CA CYS A 36 -15.60 15.68 15.87
C CYS A 36 -15.47 17.03 15.17
N GLN A 37 -14.69 17.94 15.71
CA GLN A 37 -14.45 19.22 15.00
C GLN A 37 -13.66 18.96 13.68
N MET A 38 -12.95 17.84 13.56
CA MET A 38 -12.23 17.49 12.32
C MET A 38 -13.22 17.34 11.14
N PHE A 39 -14.50 17.09 11.39
CA PHE A 39 -15.53 16.94 10.33
C PHE A 39 -16.19 18.29 9.97
N ASP A 40 -15.84 19.39 10.65
CA ASP A 40 -16.64 20.67 10.65
C ASP A 40 -16.97 21.12 9.21
N SER A 41 -16.00 21.25 8.33
CA SER A 41 -16.18 21.66 6.93
C SER A 41 -17.08 20.66 6.18
N SER A 42 -16.83 19.37 6.34
N SER A 42 -16.82 19.37 6.32
CA SER A 42 -17.54 18.35 5.53
CA SER A 42 -17.53 18.33 5.54
C SER A 42 -18.99 18.18 6.00
C SER A 42 -18.99 18.20 6.00
N VAL A 43 -19.28 18.39 7.29
CA VAL A 43 -20.68 18.30 7.83
C VAL A 43 -21.58 19.23 7.03
N SER A 44 -21.16 20.47 6.80
CA SER A 44 -21.93 21.49 6.05
C SER A 44 -22.11 21.08 4.58
N GLN A 45 -21.04 20.65 3.92
CA GLN A 45 -21.07 20.29 2.46
C GLN A 45 -21.96 19.05 2.26
N ILE A 46 -21.91 18.07 3.16
CA ILE A 46 -22.73 16.84 3.05
C ILE A 46 -24.19 17.20 3.31
N ALA A 47 -24.49 17.91 4.40
CA ALA A 47 -25.85 18.31 4.79
C ALA A 47 -26.52 19.07 3.62
N ALA A 48 -25.79 19.93 2.95
CA ALA A 48 -26.34 20.77 1.86
C ALA A 48 -26.76 19.89 0.69
N GLN A 49 -26.41 18.61 0.60
CA GLN A 49 -26.90 17.76 -0.50
C GLN A 49 -28.18 17.03 -0.11
N GLY A 50 -28.79 17.37 1.01
CA GLY A 50 -30.10 16.80 1.38
C GLY A 50 -29.96 15.65 2.35
N PHE A 51 -29.08 15.79 3.33
CA PHE A 51 -28.91 14.77 4.37
C PHE A 51 -28.93 15.44 5.73
N ARG A 52 -29.38 14.71 6.73
CA ARG A 52 -29.13 15.04 8.13
C ARG A 52 -27.83 14.32 8.53
N VAL A 53 -26.83 15.10 8.91
CA VAL A 53 -25.49 14.65 9.31
C VAL A 53 -25.34 14.81 10.80
N THR A 54 -24.96 13.72 11.46
CA THR A 54 -24.69 13.72 12.91
C THR A 54 -23.24 13.29 13.18
N THR A 55 -22.60 13.97 14.12
CA THR A 55 -21.29 13.53 14.63
C THR A 55 -21.20 13.89 16.10
N PHE A 56 -20.14 13.41 16.74
CA PHE A 56 -20.03 13.48 18.21
C PHE A 56 -18.60 13.23 18.62
N ASP A 57 -18.22 13.74 19.81
CA ASP A 57 -16.93 13.38 20.44
C ASP A 57 -17.10 11.99 21.03
N MET A 58 -16.06 11.16 20.98
CA MET A 58 -16.18 9.76 21.43
C MET A 58 -16.02 9.71 22.95
N PRO A 59 -16.57 8.71 23.64
CA PRO A 59 -16.59 8.68 25.11
C PRO A 59 -15.19 8.85 25.72
N GLY A 60 -15.05 9.78 26.67
CA GLY A 60 -13.79 10.05 27.39
C GLY A 60 -12.92 11.03 26.63
N MET A 61 -13.26 11.37 25.39
CA MET A 61 -12.45 12.27 24.56
C MET A 61 -13.12 13.65 24.46
N SER A 62 -12.29 14.68 24.47
CA SER A 62 -12.70 16.04 24.06
C SER A 62 -13.94 16.38 24.89
N ARG A 63 -15.06 16.82 24.28
CA ARG A 63 -16.21 17.32 25.06
C ARG A 63 -17.14 16.18 25.50
N SER A 64 -16.83 14.93 25.18
CA SER A 64 -17.63 13.78 25.67
C SER A 64 -16.85 13.11 26.81
N ALA A 65 -16.04 13.87 27.54
CA ALA A 65 -15.10 13.33 28.57
C ALA A 65 -15.88 12.87 29.81
N LYS A 66 -17.10 13.36 30.04
CA LYS A 66 -17.95 12.93 31.18
C LYS A 66 -18.56 11.57 30.88
N ALA A 67 -17.86 10.51 31.27
CA ALA A 67 -18.26 9.11 30.97
C ALA A 67 -17.54 8.16 31.93
N PRO A 68 -18.10 6.96 32.18
CA PRO A 68 -17.44 5.97 33.04
C PRO A 68 -16.17 5.37 32.36
N ALA A 69 -15.21 5.02 33.21
CA ALA A 69 -13.85 4.59 32.79
C ALA A 69 -13.97 3.39 31.86
N GLU A 70 -14.98 2.56 32.04
CA GLU A 70 -15.20 1.37 31.19
C GLU A 70 -15.31 1.75 29.69
N THR A 71 -15.72 2.99 29.36
CA THR A 71 -16.05 3.38 27.96
C THR A 71 -14.79 3.86 27.24
N TYR A 72 -13.73 4.17 27.99
CA TYR A 72 -12.45 4.64 27.42
C TYR A 72 -11.25 3.81 27.93
N THR A 73 -11.48 2.61 28.44
CA THR A 73 -10.41 1.65 28.78
C THR A 73 -10.75 0.29 28.18
N GLU A 74 -9.73 -0.50 27.82
CA GLU A 74 -9.86 -1.83 27.18
C GLU A 74 -10.91 -1.72 26.07
N VAL A 75 -10.77 -0.69 25.25
CA VAL A 75 -11.81 -0.39 24.22
C VAL A 75 -11.70 -1.43 23.12
N THR A 76 -12.85 -1.96 22.68
CA THR A 76 -12.95 -2.86 21.54
C THR A 76 -13.88 -2.23 20.50
N ALA A 77 -13.88 -2.75 19.27
CA ALA A 77 -14.84 -2.38 18.22
C ALA A 77 -16.25 -2.64 18.72
N GLN A 78 -16.45 -3.76 19.42
CA GLN A 78 -17.81 -4.20 19.81
C GLN A 78 -18.35 -3.20 20.86
N LYS A 79 -17.50 -2.76 21.77
CA LYS A 79 -17.88 -1.73 22.78
C LYS A 79 -18.27 -0.47 22.01
N LEU A 80 -17.40 0.01 21.12
CA LEU A 80 -17.64 1.31 20.45
C LEU A 80 -18.95 1.22 19.68
N ALA A 81 -19.24 0.07 19.11
CA ALA A 81 -20.46 -0.07 18.31
C ALA A 81 -21.68 0.05 19.25
N SER A 82 -21.62 -0.58 20.42
CA SER A 82 -22.78 -0.50 21.35
C SER A 82 -22.91 0.96 21.81
N TYR A 83 -21.82 1.67 22.04
CA TYR A 83 -21.92 3.11 22.43
C TYR A 83 -22.55 3.94 21.30
N VAL A 84 -22.20 3.73 20.04
CA VAL A 84 -22.79 4.57 18.95
C VAL A 84 -24.29 4.25 18.88
N ILE A 85 -24.65 2.98 18.99
CA ILE A 85 -26.08 2.59 18.98
C ILE A 85 -26.81 3.34 20.11
N SER A 86 -26.18 3.54 21.26
CA SER A 86 -26.82 4.26 22.40
C SER A 86 -27.16 5.71 22.01
N ILE A 87 -26.26 6.43 21.31
CA ILE A 87 -26.51 7.87 20.97
C ILE A 87 -27.49 7.91 19.79
N LEU A 88 -27.39 6.99 18.84
CA LEU A 88 -28.42 6.93 17.77
C LEU A 88 -29.83 6.67 18.40
N ASP A 89 -29.93 5.77 19.38
CA ASP A 89 -31.21 5.54 20.10
C ASP A 89 -31.65 6.88 20.73
N ALA A 90 -30.78 7.55 21.47
CA ALA A 90 -31.13 8.78 22.20
C ALA A 90 -31.51 9.91 21.22
N LEU A 91 -30.97 9.90 20.01
CA LEU A 91 -31.24 10.98 19.01
C LEU A 91 -32.37 10.53 18.09
N ASP A 92 -32.96 9.36 18.33
CA ASP A 92 -34.04 8.79 17.49
C ASP A 92 -33.58 8.69 16.03
N ILE A 93 -32.38 8.18 15.80
CA ILE A 93 -31.91 7.88 14.43
C ILE A 93 -32.09 6.39 14.26
N LYS A 94 -33.04 6.01 13.44
CA LYS A 94 -33.40 4.57 13.30
C LYS A 94 -32.56 3.89 12.20
N HIS A 95 -32.27 4.58 11.11
CA HIS A 95 -31.59 3.99 9.95
C HIS A 95 -30.50 4.99 9.53
N ALA A 96 -29.25 4.55 9.48
CA ALA A 96 -28.14 5.50 9.26
C ALA A 96 -27.12 4.93 8.29
N THR A 97 -26.63 5.81 7.43
CA THR A 97 -25.35 5.58 6.74
C THR A 97 -24.24 5.99 7.74
N VAL A 98 -23.14 5.22 7.81
CA VAL A 98 -22.06 5.46 8.80
C VAL A 98 -20.69 5.52 8.10
N TRP A 99 -19.88 6.48 8.51
CA TRP A 99 -18.46 6.60 8.11
C TRP A 99 -17.62 6.33 9.37
N GLY A 100 -16.50 5.64 9.20
CA GLY A 100 -15.51 5.57 10.30
C GLY A 100 -14.11 5.30 9.79
N CYS A 101 -13.13 6.00 10.32
CA CYS A 101 -11.68 5.77 10.05
C CYS A 101 -10.99 5.15 11.27
N SER A 102 -10.08 4.20 11.02
CA SER A 102 -9.22 3.60 12.05
C SER A 102 -10.07 2.87 13.11
N SER A 103 -10.02 3.22 14.39
CA SER A 103 -10.94 2.60 15.39
C SER A 103 -12.41 2.85 14.99
N GLY A 104 -12.67 3.94 14.28
CA GLY A 104 -14.00 4.25 13.73
C GLY A 104 -14.38 3.28 12.63
N ALA A 105 -13.37 2.82 11.88
CA ALA A 105 -13.58 1.82 10.82
C ALA A 105 -14.02 0.52 11.49
N SER A 106 -13.32 0.12 12.54
CA SER A 106 -13.65 -1.15 13.22
C SER A 106 -15.06 -1.01 13.82
N THR A 107 -15.38 0.14 14.38
CA THR A 107 -16.74 0.46 14.92
C THR A 107 -17.82 0.33 13.83
N VAL A 108 -17.62 0.88 12.63
CA VAL A 108 -18.72 0.86 11.62
C VAL A 108 -18.87 -0.54 11.06
N VAL A 109 -17.81 -1.33 10.94
CA VAL A 109 -17.99 -2.74 10.49
C VAL A 109 -18.72 -3.54 11.60
N ALA A 110 -18.34 -3.34 12.86
CA ALA A 110 -19.05 -3.95 14.02
C ALA A 110 -20.53 -3.52 13.99
N LEU A 111 -20.85 -2.24 13.70
CA LEU A 111 -22.25 -1.77 13.62
C LEU A 111 -22.97 -2.55 12.50
N LEU A 112 -22.37 -2.65 11.31
CA LEU A 112 -23.08 -3.23 10.13
C LEU A 112 -23.32 -4.73 10.37
N LEU A 113 -22.36 -5.41 10.98
CA LEU A 113 -22.49 -6.86 11.27
C LEU A 113 -23.41 -7.06 12.49
N GLY A 114 -23.20 -6.31 13.56
CA GLY A 114 -23.96 -6.47 14.81
C GLY A 114 -25.39 -5.96 14.74
N TYR A 115 -25.71 -4.95 13.91
CA TYR A 115 -27.01 -4.22 13.95
C TYR A 115 -27.49 -3.95 12.54
N PRO A 116 -27.63 -4.99 11.70
CA PRO A 116 -27.84 -4.77 10.27
C PRO A 116 -29.13 -4.00 9.95
N ASP A 117 -30.13 -4.10 10.82
CA ASP A 117 -31.41 -3.38 10.59
C ASP A 117 -31.16 -1.86 10.73
N ARG A 118 -30.13 -1.43 11.46
CA ARG A 118 -29.95 0.01 11.77
C ARG A 118 -29.06 0.72 10.72
N ILE A 119 -28.35 -0.02 9.85
CA ILE A 119 -27.24 0.54 9.04
C ILE A 119 -27.60 0.38 7.58
N ARG A 120 -27.83 1.49 6.89
CA ARG A 120 -28.07 1.48 5.43
C ARG A 120 -26.79 0.95 4.76
N ASN A 121 -25.66 1.56 5.08
CA ASN A 121 -24.36 1.23 4.43
C ASN A 121 -23.24 1.84 5.29
N ALA A 122 -22.07 1.21 5.29
CA ALA A 122 -20.89 1.64 6.07
C ALA A 122 -19.73 1.93 5.13
N MET A 123 -19.04 3.03 5.43
CA MET A 123 -17.77 3.39 4.80
C MET A 123 -16.67 3.26 5.85
N CYS A 124 -15.76 2.33 5.67
CA CYS A 124 -14.64 2.11 6.60
C CYS A 124 -13.36 2.50 5.91
N HIS A 125 -12.53 3.22 6.64
CA HIS A 125 -11.19 3.65 6.19
C HIS A 125 -10.08 3.16 7.14
N GLU A 126 -9.09 2.45 6.58
CA GLU A 126 -7.85 2.06 7.31
C GLU A 126 -8.22 1.41 8.65
N LEU A 127 -8.70 0.18 8.58
CA LEU A 127 -9.13 -0.60 9.74
C LEU A 127 -7.89 -1.28 10.32
N PRO A 128 -7.55 -0.98 11.60
CA PRO A 128 -6.33 -1.49 12.22
C PRO A 128 -6.51 -2.91 12.73
N THR A 129 -5.81 -3.88 12.13
CA THR A 129 -5.98 -5.31 12.48
C THR A 129 -4.76 -5.89 13.18
N LYS A 130 -3.67 -5.15 13.32
CA LYS A 130 -2.37 -5.64 13.82
C LYS A 130 -1.93 -4.83 15.03
N LEU A 131 -1.52 -5.52 16.09
CA LEU A 131 -0.88 -4.83 17.23
C LEU A 131 0.43 -4.18 16.79
N LEU A 132 0.76 -3.00 17.31
CA LEU A 132 2.05 -2.33 17.01
C LEU A 132 2.72 -1.98 18.35
N ASP A 133 3.83 -2.67 18.67
CA ASP A 133 4.55 -2.50 19.95
C ASP A 133 4.82 -1.03 20.21
N HIS A 134 5.18 -0.24 19.22
CA HIS A 134 5.58 1.19 19.49
C HIS A 134 4.38 2.06 19.86
N LEU A 135 3.15 1.73 19.43
CA LEU A 135 1.93 2.43 19.92
C LEU A 135 1.55 1.85 21.28
N SER A 136 1.51 0.52 21.41
CA SER A 136 1.16 -0.17 22.68
C SER A 136 2.10 0.27 23.81
N ASN A 137 3.38 0.48 23.54
CA ASN A 137 4.37 0.87 24.59
C ASN A 137 4.08 2.26 25.15
N THR A 138 3.35 3.13 24.43
CA THR A 138 3.08 4.51 24.95
C THR A 138 2.17 4.40 26.17
N ALA A 139 1.42 3.32 26.31
CA ALA A 139 0.36 3.18 27.36
C ALA A 139 0.93 3.31 28.79
N VAL A 140 2.21 3.02 29.00
CA VAL A 140 2.83 2.94 30.35
C VAL A 140 3.60 4.23 30.61
N LEU A 141 3.58 5.21 29.71
CA LEU A 141 4.42 6.42 29.88
C LEU A 141 3.68 7.46 30.70
N GLU A 142 4.36 8.56 31.05
CA GLU A 142 3.74 9.74 31.70
C GLU A 142 2.90 10.49 30.67
N ASP A 143 1.85 11.15 31.15
CA ASP A 143 0.90 11.93 30.33
C ASP A 143 1.62 12.85 29.36
N GLU A 144 2.64 13.58 29.81
CA GLU A 144 3.25 14.66 29.00
C GLU A 144 4.17 14.08 27.91
N GLU A 145 4.81 12.94 28.15
N GLU A 145 4.79 12.94 28.18
CA GLU A 145 5.59 12.27 27.08
CA GLU A 145 5.60 12.19 27.16
C GLU A 145 4.62 11.65 26.06
C GLU A 145 4.64 11.64 26.09
N ILE A 146 3.56 10.98 26.49
CA ILE A 146 2.54 10.45 25.55
C ILE A 146 2.10 11.57 24.60
N SER A 147 1.67 12.71 25.13
CA SER A 147 1.15 13.83 24.32
C SER A 147 2.24 14.33 23.39
N ASN A 148 3.49 14.42 23.83
CA ASN A 148 4.57 14.89 22.93
C ASN A 148 4.82 13.86 21.83
N ILE A 149 4.89 12.59 22.16
CA ILE A 149 5.15 11.51 21.17
C ILE A 149 4.02 11.47 20.13
N LEU A 150 2.76 11.44 20.57
CA LEU A 150 1.63 11.19 19.63
C LEU A 150 1.33 12.45 18.83
N ALA A 151 1.48 13.64 19.40
CA ALA A 151 1.24 14.90 18.65
C ALA A 151 2.21 14.94 17.46
N ASN A 152 3.41 14.41 17.65
CA ASN A 152 4.47 14.43 16.60
C ASN A 152 4.12 13.38 15.53
N VAL A 153 3.64 12.21 15.93
CA VAL A 153 3.16 11.16 15.00
C VAL A 153 2.07 11.76 14.10
N MET A 154 1.03 12.32 14.70
CA MET A 154 -0.08 12.91 13.89
C MET A 154 0.52 13.96 12.96
N LEU A 155 1.29 14.91 13.49
CA LEU A 155 1.69 16.08 12.68
C LEU A 155 2.63 15.63 11.55
N ASN A 156 3.61 14.80 11.86
CA ASN A 156 4.75 14.54 10.93
C ASN A 156 4.60 13.22 10.17
N ASP A 157 3.92 12.22 10.73
CA ASP A 157 3.88 10.84 10.16
C ASP A 157 2.54 10.54 9.42
N VAL A 158 1.36 10.83 9.98
CA VAL A 158 0.12 10.21 9.43
C VAL A 158 -0.98 11.24 9.12
N SER A 159 -0.69 12.53 9.15
CA SER A 159 -1.75 13.56 8.97
C SER A 159 -2.22 13.55 7.51
N GLY A 160 -1.31 13.25 6.59
CA GLY A 160 -1.59 13.34 5.15
C GLY A 160 -1.60 14.76 4.65
N GLY A 161 -1.19 15.71 5.50
CA GLY A 161 -1.33 17.16 5.22
C GLY A 161 -1.03 17.98 6.46
N SER A 162 0.23 18.30 6.70
CA SER A 162 0.67 18.94 7.98
C SER A 162 0.04 20.33 8.13
N GLU A 163 -0.08 21.10 7.07
CA GLU A 163 -0.63 22.48 7.18
C GLU A 163 -2.12 22.39 7.56
N ALA A 164 -2.88 21.50 6.90
CA ALA A 164 -4.32 21.34 7.20
C ALA A 164 -4.43 20.86 8.64
N TRP A 165 -3.53 19.98 9.07
CA TRP A 165 -3.53 19.45 10.45
C TRP A 165 -3.30 20.59 11.45
N GLN A 166 -2.32 21.45 11.18
CA GLN A 166 -2.03 22.62 12.04
C GLN A 166 -3.23 23.58 12.04
N ALA A 167 -3.86 23.76 10.89
CA ALA A 167 -4.96 24.71 10.72
C ALA A 167 -6.23 24.26 11.47
N LEU A 168 -6.26 23.07 12.07
CA LEU A 168 -7.37 22.73 12.98
C LEU A 168 -7.46 23.78 14.11
N GLY A 169 -6.35 24.42 14.45
CA GLY A 169 -6.36 25.55 15.40
C GLY A 169 -6.02 25.16 16.81
N VAL A 170 -5.67 26.14 17.61
CA VAL A 170 -5.04 25.88 18.93
C VAL A 170 -6.07 25.24 19.86
N GLU A 171 -7.35 25.61 19.74
CA GLU A 171 -8.38 25.05 20.64
C GLU A 171 -8.45 23.53 20.43
N VAL A 172 -8.49 23.10 19.15
CA VAL A 172 -8.57 21.65 18.82
C VAL A 172 -7.31 20.96 19.35
N HIS A 173 -6.13 21.53 19.09
CA HIS A 173 -4.88 20.84 19.51
C HIS A 173 -4.78 20.81 21.06
N ALA A 174 -5.40 21.73 21.79
CA ALA A 174 -5.47 21.68 23.28
C ALA A 174 -6.37 20.52 23.73
N ARG A 175 -7.48 20.23 23.02
CA ARG A 175 -8.31 19.06 23.37
C ARG A 175 -7.54 17.76 23.00
N LEU A 176 -6.94 17.68 21.82
CA LEU A 176 -6.14 16.47 21.44
C LEU A 176 -5.03 16.19 22.47
N HIS A 177 -4.30 17.22 22.89
CA HIS A 177 -3.27 17.12 23.98
C HIS A 177 -3.79 16.25 25.12
N LYS A 178 -5.02 16.47 25.58
CA LYS A 178 -5.56 15.70 26.73
C LYS A 178 -6.10 14.33 26.31
N ASN A 179 -6.50 14.16 25.05
CA ASN A 179 -7.00 12.86 24.56
C ASN A 179 -5.86 11.82 24.43
N TYR A 180 -4.65 12.24 24.05
CA TYR A 180 -3.55 11.31 23.68
C TYR A 180 -3.31 10.29 24.78
N PRO A 181 -3.14 10.71 26.07
CA PRO A 181 -2.94 9.73 27.14
C PRO A 181 -4.13 8.79 27.29
N VAL A 182 -5.34 9.31 27.10
CA VAL A 182 -6.56 8.48 27.25
C VAL A 182 -6.56 7.44 26.12
N TRP A 183 -6.28 7.92 24.90
CA TRP A 183 -6.22 7.00 23.75
C TRP A 183 -5.16 5.92 23.97
N ALA A 184 -3.95 6.33 24.33
CA ALA A 184 -2.80 5.41 24.53
C ALA A 184 -3.17 4.29 25.50
N ARG A 185 -3.85 4.62 26.58
CA ARG A 185 -4.09 3.62 27.64
C ARG A 185 -5.25 2.75 27.25
N GLY A 186 -6.14 3.21 26.38
CA GLY A 186 -7.43 2.50 26.20
C GLY A 186 -7.60 1.82 24.85
N TYR A 187 -6.77 2.14 23.86
CA TYR A 187 -7.06 1.81 22.43
C TYR A 187 -6.06 0.80 21.83
N PRO A 188 -4.76 1.13 21.72
CA PRO A 188 -3.88 0.34 20.84
C PRO A 188 -3.65 -1.12 21.26
N ARG A 189 -3.85 -1.45 22.55
CA ARG A 189 -3.59 -2.82 23.05
C ARG A 189 -4.81 -3.67 22.80
N THR A 190 -6.00 -3.08 22.64
CA THR A 190 -7.24 -3.88 22.59
C THR A 190 -8.01 -3.69 21.27
N ILE A 191 -7.83 -2.58 20.56
CA ILE A 191 -8.61 -2.39 19.30
C ILE A 191 -8.22 -3.43 18.25
N PRO A 192 -6.93 -3.63 17.90
CA PRO A 192 -6.62 -4.48 16.75
C PRO A 192 -7.15 -5.91 16.89
N PRO A 193 -6.99 -6.58 18.05
CA PRO A 193 -7.51 -7.93 18.19
C PRO A 193 -9.03 -8.04 18.11
N SER A 194 -9.74 -6.92 18.22
CA SER A 194 -11.22 -6.92 18.16
C SER A 194 -11.71 -6.72 16.72
N ALA A 195 -10.84 -6.65 15.73
CA ALA A 195 -11.23 -6.29 14.35
C ALA A 195 -12.26 -7.30 13.87
N PRO A 196 -13.45 -6.87 13.43
CA PRO A 196 -14.44 -7.80 12.90
C PRO A 196 -14.17 -8.27 11.44
N VAL A 197 -12.94 -8.69 11.14
CA VAL A 197 -12.52 -9.11 9.77
C VAL A 197 -12.08 -10.58 9.78
N GLN A 198 -12.31 -11.31 10.86
CA GLN A 198 -11.85 -12.72 10.98
C GLN A 198 -12.69 -13.60 10.05
N ASP A 199 -13.94 -13.22 9.78
CA ASP A 199 -14.87 -14.05 9.01
C ASP A 199 -15.11 -13.35 7.67
N VAL A 200 -14.33 -13.72 6.66
CA VAL A 200 -14.46 -13.15 5.31
C VAL A 200 -15.90 -13.35 4.81
N GLU A 201 -16.49 -14.52 5.03
CA GLU A 201 -17.82 -14.84 4.44
C GLU A 201 -18.88 -13.94 5.07
N ALA A 202 -18.70 -13.51 6.31
CA ALA A 202 -19.62 -12.56 6.98
C ALA A 202 -19.60 -11.21 6.24
N LEU A 203 -18.51 -10.84 5.57
CA LEU A 203 -18.47 -9.52 4.91
C LEU A 203 -19.09 -9.62 3.51
N ARG A 204 -19.21 -10.82 2.95
CA ARG A 204 -19.56 -10.97 1.52
C ARG A 204 -20.99 -10.52 1.29
N GLY A 205 -21.20 -9.66 0.30
CA GLY A 205 -22.50 -9.12 -0.10
C GLY A 205 -23.01 -8.02 0.79
N LYS A 206 -22.28 -7.58 1.82
CA LYS A 206 -22.77 -6.50 2.72
C LYS A 206 -22.60 -5.13 2.06
N PRO A 207 -23.41 -4.12 2.44
CA PRO A 207 -23.28 -2.76 1.90
C PRO A 207 -22.15 -1.97 2.58
N LEU A 208 -20.95 -2.30 2.16
CA LEU A 208 -19.70 -1.85 2.77
C LEU A 208 -18.82 -1.30 1.65
N ASP A 209 -18.20 -0.15 1.88
CA ASP A 209 -17.28 0.54 0.95
C ASP A 209 -16.01 0.89 1.73
N TRP A 210 -14.89 0.33 1.30
CA TRP A 210 -13.63 0.28 2.09
C TRP A 210 -12.62 1.17 1.38
N THR A 211 -11.93 2.02 2.13
CA THR A 211 -10.86 2.85 1.57
C THR A 211 -9.59 2.72 2.41
N VAL A 212 -8.48 3.02 1.74
CA VAL A 212 -7.14 3.22 2.36
C VAL A 212 -6.58 4.52 1.83
N GLY A 213 -5.72 5.17 2.58
CA GLY A 213 -5.05 6.42 2.19
C GLY A 213 -4.07 6.16 1.04
N ALA A 214 -4.16 6.94 -0.04
CA ALA A 214 -3.28 6.79 -1.22
C ALA A 214 -1.79 6.97 -0.83
N ALA A 215 -1.46 7.82 0.15
CA ALA A 215 -0.06 8.18 0.48
C ALA A 215 0.42 7.34 1.67
N THR A 216 -0.47 6.60 2.34
CA THR A 216 -0.06 5.70 3.45
C THR A 216 0.95 4.69 2.93
N PRO A 217 2.03 4.38 3.68
CA PRO A 217 2.96 3.32 3.29
C PRO A 217 2.19 2.02 3.10
N THR A 218 2.51 1.28 2.07
CA THR A 218 1.77 0.07 1.65
C THR A 218 1.63 -0.90 2.82
N GLU A 219 2.64 -1.00 3.69
CA GLU A 219 2.61 -2.07 4.71
C GLU A 219 1.48 -1.82 5.72
N SER A 220 1.06 -0.59 5.93
CA SER A 220 0.14 -0.24 7.03
C SER A 220 -1.20 -0.96 6.83
N PHE A 221 -1.78 -0.90 5.63
CA PHE A 221 -3.16 -1.43 5.39
C PHE A 221 -3.18 -2.38 4.19
N PHE A 222 -2.02 -2.94 3.85
CA PHE A 222 -1.92 -4.13 2.96
C PHE A 222 -3.00 -5.15 3.30
N ASP A 223 -3.13 -5.50 4.58
CA ASP A 223 -4.09 -6.55 5.00
C ASP A 223 -5.54 -6.16 4.69
N ASN A 224 -5.89 -4.88 4.75
CA ASN A 224 -7.24 -4.40 4.39
C ASN A 224 -7.54 -4.73 2.92
N ILE A 225 -6.57 -4.52 2.03
CA ILE A 225 -6.78 -4.72 0.59
C ILE A 225 -7.02 -6.20 0.32
N VAL A 226 -6.24 -7.08 0.97
CA VAL A 226 -6.35 -8.55 0.84
C VAL A 226 -7.75 -8.94 1.30
N THR A 227 -8.13 -8.54 2.52
CA THR A 227 -9.41 -8.94 3.11
C THR A 227 -10.56 -8.48 2.23
N ALA A 228 -10.57 -7.22 1.80
CA ALA A 228 -11.69 -6.68 1.01
C ALA A 228 -11.78 -7.45 -0.29
N THR A 229 -10.64 -7.72 -0.94
CA THR A 229 -10.66 -8.44 -2.24
C THR A 229 -11.20 -9.86 -2.04
N LYS A 230 -10.78 -10.52 -0.97
CA LYS A 230 -11.25 -11.90 -0.71
C LYS A 230 -12.77 -11.91 -0.49
N ALA A 231 -13.33 -10.89 0.16
CA ALA A 231 -14.77 -10.82 0.46
C ALA A 231 -15.58 -10.23 -0.71
N GLY A 232 -14.97 -9.88 -1.83
CA GLY A 232 -15.69 -9.17 -2.92
C GLY A 232 -16.16 -7.76 -2.52
N VAL A 233 -15.61 -7.16 -1.47
CA VAL A 233 -16.07 -5.83 -0.98
C VAL A 233 -15.41 -4.74 -1.82
N ASN A 234 -16.17 -3.70 -2.18
CA ASN A 234 -15.65 -2.53 -2.91
C ASN A 234 -14.51 -1.88 -2.12
N ILE A 235 -13.34 -1.75 -2.72
CA ILE A 235 -12.12 -1.24 -2.03
C ILE A 235 -11.44 -0.23 -2.97
N GLY A 236 -11.07 0.92 -2.42
CA GLY A 236 -10.50 2.04 -3.18
C GLY A 236 -9.60 2.89 -2.32
N LEU A 237 -9.26 4.05 -2.85
CA LEU A 237 -8.32 4.98 -2.22
C LEU A 237 -9.00 6.30 -2.03
N LEU A 238 -8.67 6.98 -0.94
CA LEU A 238 -8.87 8.45 -0.80
C LEU A 238 -7.49 9.10 -0.78
N PRO A 239 -7.38 10.38 -1.15
CA PRO A 239 -6.12 11.07 -1.03
C PRO A 239 -5.67 11.13 0.43
N GLY A 240 -4.38 11.29 0.64
CA GLY A 240 -3.81 11.52 1.98
C GLY A 240 -3.65 10.23 2.77
N MET A 241 -3.76 10.33 4.08
CA MET A 241 -3.38 9.22 4.98
C MET A 241 -4.54 8.94 5.92
N ALA A 242 -4.35 9.16 7.23
CA ALA A 242 -5.30 8.67 8.26
C ALA A 242 -6.48 9.65 8.46
N PHE A 243 -6.44 10.87 7.92
CA PHE A 243 -7.44 11.93 8.22
C PHE A 243 -7.88 12.58 6.92
N PRO A 244 -8.46 11.84 5.96
CA PRO A 244 -8.87 12.44 4.68
C PRO A 244 -9.86 13.60 4.89
N TYR A 245 -10.64 13.57 5.96
CA TYR A 245 -11.61 14.65 6.27
C TYR A 245 -10.91 15.90 6.79
N VAL A 246 -9.64 15.79 7.18
CA VAL A 246 -8.82 17.00 7.53
C VAL A 246 -8.00 17.43 6.31
N SER A 247 -7.29 16.49 5.70
CA SER A 247 -6.31 16.79 4.61
C SER A 247 -7.04 17.16 3.33
N HIS A 248 -8.16 16.51 3.02
CA HIS A 248 -8.87 16.74 1.73
C HIS A 248 -10.38 16.79 1.95
N PRO A 249 -10.89 17.79 2.73
CA PRO A 249 -12.29 17.79 3.16
C PRO A 249 -13.30 17.78 1.99
N ASP A 250 -12.98 18.37 0.85
CA ASP A 250 -13.94 18.43 -0.29
C ASP A 250 -14.01 17.08 -1.00
N VAL A 251 -12.87 16.40 -1.13
CA VAL A 251 -12.86 15.06 -1.75
C VAL A 251 -13.59 14.10 -0.80
N PHE A 252 -13.33 14.21 0.50
CA PHE A 252 -13.98 13.38 1.54
C PHE A 252 -15.51 13.54 1.45
N ALA A 253 -16.00 14.77 1.44
CA ALA A 253 -17.44 15.08 1.48
C ALA A 253 -18.13 14.54 0.21
N LYS A 254 -17.50 14.74 -0.94
CA LYS A 254 -18.02 14.22 -2.21
C LYS A 254 -18.09 12.68 -2.17
N TYR A 255 -17.10 12.01 -1.62
CA TYR A 255 -17.09 10.54 -1.51
C TYR A 255 -18.27 10.08 -0.63
N VAL A 256 -18.45 10.70 0.51
CA VAL A 256 -19.55 10.32 1.44
C VAL A 256 -20.90 10.51 0.71
N VAL A 257 -21.09 11.65 0.04
CA VAL A 257 -22.39 11.96 -0.66
C VAL A 257 -22.61 10.92 -1.76
N GLU A 258 -21.63 10.71 -2.63
CA GLU A 258 -21.83 9.84 -3.81
C GLU A 258 -22.02 8.39 -3.33
N THR A 259 -21.28 7.98 -2.32
CA THR A 259 -21.44 6.59 -1.81
C THR A 259 -22.85 6.45 -1.19
N THR A 260 -23.32 7.42 -0.44
CA THR A 260 -24.67 7.34 0.15
C THR A 260 -25.71 7.35 -1.00
N GLN A 261 -25.50 8.15 -2.02
CA GLN A 261 -26.47 8.24 -3.15
C GLN A 261 -26.51 6.91 -3.89
N LYS A 262 -25.37 6.28 -4.09
CA LYS A 262 -25.33 4.99 -4.80
C LYS A 262 -26.16 3.97 -3.99
N HIS A 263 -26.04 3.95 -2.66
CA HIS A 263 -26.82 2.96 -1.89
C HIS A 263 -28.31 3.34 -1.85
N LEU A 264 -28.67 4.62 -1.86
CA LEU A 264 -30.12 5.01 -1.91
C LEU A 264 -30.73 4.55 -3.25
N TRP A 265 -29.96 4.55 -4.34
CA TRP A 265 -30.40 4.06 -5.66
C TRP A 265 -30.59 2.54 -5.60
N ASN A 266 -29.62 1.81 -5.09
CA ASN A 266 -29.62 0.32 -5.05
C ASN A 266 -30.81 -0.21 -4.24
N SER A 267 -31.19 0.41 -3.12
CA SER A 267 -32.20 -0.17 -2.21
C SER A 267 -33.62 -0.11 -2.84
N SER A 268 -33.85 0.65 -3.91
CA SER A 268 -35.08 0.59 -4.75
C SER A 268 -34.89 -0.41 -5.91
N MET B 1 34.82 -17.70 -7.00
CA MET B 1 35.08 -16.44 -7.72
C MET B 1 33.89 -16.12 -8.62
N ARG B 2 33.69 -14.86 -8.93
CA ARG B 2 32.59 -14.44 -9.84
C ARG B 2 33.11 -14.29 -11.27
N THR B 3 32.43 -14.85 -12.24
CA THR B 3 32.67 -14.60 -13.69
C THR B 3 32.09 -13.23 -14.03
N ARG B 4 32.85 -12.40 -14.73
CA ARG B 4 32.39 -11.09 -15.25
C ARG B 4 32.82 -11.01 -16.70
N SER B 5 31.89 -11.08 -17.62
CA SER B 5 32.23 -11.38 -19.03
C SER B 5 31.14 -10.85 -19.95
N THR B 6 31.27 -11.14 -21.24
CA THR B 6 30.28 -10.76 -22.27
C THR B 6 29.94 -11.97 -23.11
N ILE B 7 28.82 -11.93 -23.79
CA ILE B 7 28.41 -13.07 -24.64
C ILE B 7 27.40 -12.50 -25.63
N SER B 8 27.45 -12.98 -26.88
CA SER B 8 26.63 -12.44 -27.98
C SER B 8 25.56 -13.45 -28.36
N THR B 9 24.35 -12.98 -28.64
CA THR B 9 23.21 -13.83 -28.98
C THR B 9 22.78 -13.49 -30.40
N PRO B 10 22.28 -14.47 -31.17
CA PRO B 10 21.89 -14.26 -32.55
C PRO B 10 20.95 -13.07 -32.83
N ASN B 11 20.23 -12.53 -31.84
CA ASN B 11 19.33 -11.34 -32.04
C ASN B 11 20.18 -10.06 -32.14
N GLY B 12 21.50 -10.14 -31.99
CA GLY B 12 22.40 -9.00 -32.22
C GLY B 12 22.83 -8.32 -30.95
N ILE B 13 22.42 -8.83 -29.79
CA ILE B 13 22.79 -8.17 -28.51
C ILE B 13 24.14 -8.75 -28.08
N THR B 14 25.04 -7.90 -27.63
CA THR B 14 26.21 -8.33 -26.81
C THR B 14 25.94 -7.98 -25.35
N TRP B 15 25.71 -9.03 -24.55
CA TRP B 15 25.33 -8.92 -23.12
C TRP B 15 26.58 -8.84 -22.25
N TYR B 16 26.58 -7.93 -21.28
CA TYR B 16 27.48 -8.02 -20.12
C TYR B 16 26.75 -8.84 -19.05
N TYR B 17 27.40 -9.86 -18.53
CA TYR B 17 26.80 -10.82 -17.57
C TYR B 17 27.79 -11.10 -16.49
N GLU B 18 27.24 -11.56 -15.35
CA GLU B 18 28.01 -12.02 -14.16
C GLU B 18 27.39 -13.33 -13.65
N GLN B 19 28.20 -14.15 -13.01
CA GLN B 19 27.76 -15.50 -12.62
C GLN B 19 28.62 -15.99 -11.49
N GLU B 20 28.01 -16.52 -10.44
CA GLU B 20 28.77 -17.04 -9.27
C GLU B 20 28.05 -18.28 -8.72
N GLY B 21 28.85 -19.27 -8.31
CA GLY B 21 28.40 -20.45 -7.54
C GLY B 21 28.05 -21.62 -8.43
N THR B 22 27.66 -22.71 -7.79
CA THR B 22 27.16 -23.92 -8.45
C THR B 22 25.94 -24.41 -7.68
N GLY B 23 25.08 -25.11 -8.40
CA GLY B 23 23.81 -25.61 -7.89
C GLY B 23 22.68 -25.17 -8.80
N PRO B 24 21.44 -25.32 -8.35
CA PRO B 24 20.30 -24.89 -9.16
C PRO B 24 20.44 -23.41 -9.56
N ASP B 25 19.90 -23.08 -10.73
CA ASP B 25 20.08 -21.73 -11.33
C ASP B 25 19.07 -20.72 -10.75
N ILE B 26 19.57 -19.58 -10.32
CA ILE B 26 18.78 -18.37 -9.97
C ILE B 26 19.26 -17.22 -10.87
N VAL B 27 18.33 -16.57 -11.54
CA VAL B 27 18.61 -15.47 -12.50
C VAL B 27 17.95 -14.18 -11.99
N LEU B 28 18.76 -13.15 -11.78
CA LEU B 28 18.30 -11.83 -11.28
C LEU B 28 18.17 -10.85 -12.45
N VAL B 29 16.95 -10.56 -12.86
CA VAL B 29 16.68 -9.63 -13.99
C VAL B 29 16.60 -8.22 -13.41
N PRO B 30 17.42 -7.29 -13.90
CA PRO B 30 17.29 -5.91 -13.47
C PRO B 30 15.94 -5.27 -13.73
N ASP B 31 15.69 -4.23 -12.96
CA ASP B 31 14.65 -3.21 -13.22
C ASP B 31 14.96 -2.47 -14.53
N GLY B 32 14.08 -1.57 -14.95
CA GLY B 32 14.17 -0.83 -16.22
C GLY B 32 15.51 -0.15 -16.46
N LEU B 33 16.22 0.27 -15.40
CA LEU B 33 17.53 0.93 -15.55
C LEU B 33 18.59 -0.07 -16.07
N GLY B 34 18.32 -1.38 -16.00
CA GLY B 34 19.11 -2.43 -16.68
C GLY B 34 20.53 -2.60 -16.14
N GLU B 35 20.76 -2.30 -14.87
CA GLU B 35 22.11 -2.16 -14.28
C GLU B 35 22.32 -3.27 -13.23
N CYS B 36 23.12 -4.29 -13.52
CA CYS B 36 23.21 -5.49 -12.64
C CYS B 36 24.21 -5.31 -11.50
N GLN B 37 24.95 -4.21 -11.43
CA GLN B 37 25.84 -3.98 -10.26
C GLN B 37 24.99 -3.77 -8.97
N MET B 38 23.72 -3.39 -9.09
CA MET B 38 22.83 -3.27 -7.91
C MET B 38 22.64 -4.63 -7.22
N PHE B 39 22.86 -5.78 -7.88
CA PHE B 39 22.75 -7.13 -7.25
C PHE B 39 24.05 -7.61 -6.55
N ASP B 40 25.12 -6.82 -6.54
CA ASP B 40 26.50 -7.30 -6.31
C ASP B 40 26.57 -8.06 -5.00
N SER B 41 26.24 -7.43 -3.89
CA SER B 41 26.33 -8.07 -2.56
C SER B 41 25.39 -9.29 -2.47
N SER B 42 24.18 -9.18 -2.98
CA SER B 42 23.16 -10.27 -2.93
C SER B 42 23.61 -11.48 -3.74
N VAL B 43 24.23 -11.29 -4.91
CA VAL B 43 24.72 -12.42 -5.75
C VAL B 43 25.61 -13.33 -4.91
N SER B 44 26.55 -12.77 -4.14
CA SER B 44 27.45 -13.54 -3.25
C SER B 44 26.67 -14.30 -2.16
N GLN B 45 25.74 -13.63 -1.47
CA GLN B 45 25.02 -14.26 -0.34
C GLN B 45 24.12 -15.36 -0.88
N ILE B 46 23.48 -15.18 -2.03
CA ILE B 46 22.60 -16.22 -2.60
C ILE B 46 23.44 -17.42 -3.07
N ALA B 47 24.52 -17.17 -3.81
CA ALA B 47 25.40 -18.25 -4.33
C ALA B 47 25.95 -19.09 -3.18
N ALA B 48 26.28 -18.46 -2.05
CA ALA B 48 26.90 -19.16 -0.90
C ALA B 48 25.90 -20.19 -0.32
N GLN B 49 24.60 -20.16 -0.63
CA GLN B 49 23.67 -21.16 -0.08
C GLN B 49 23.53 -22.34 -1.06
N GLY B 50 24.38 -22.46 -2.08
CA GLY B 50 24.32 -23.64 -2.97
C GLY B 50 23.56 -23.39 -4.26
N PHE B 51 23.67 -22.19 -4.85
CA PHE B 51 23.00 -21.85 -6.11
C PHE B 51 24.03 -21.30 -7.10
N ARG B 52 23.74 -21.48 -8.37
CA ARG B 52 24.44 -20.74 -9.43
C ARG B 52 23.59 -19.53 -9.75
N VAL B 53 24.11 -18.35 -9.43
CA VAL B 53 23.42 -17.06 -9.62
C VAL B 53 23.96 -16.38 -10.86
N THR B 54 23.08 -16.00 -11.78
CA THR B 54 23.43 -15.24 -12.99
C THR B 54 22.68 -13.91 -13.00
N THR B 55 23.34 -12.83 -13.43
CA THR B 55 22.66 -11.55 -13.71
C THR B 55 23.35 -10.90 -14.92
N PHE B 56 22.80 -9.79 -15.42
CA PHE B 56 23.29 -9.17 -16.67
C PHE B 56 22.74 -7.76 -16.74
N ASP B 57 23.43 -6.91 -17.49
CA ASP B 57 22.84 -5.60 -17.89
C ASP B 57 21.81 -5.86 -18.98
N MET B 58 20.75 -5.07 -19.01
CA MET B 58 19.68 -5.29 -19.99
C MET B 58 20.03 -4.61 -21.33
N PRO B 59 19.45 -5.07 -22.45
CA PRO B 59 19.87 -4.59 -23.77
C PRO B 59 19.75 -3.08 -23.94
N GLY B 60 20.84 -2.48 -24.40
CA GLY B 60 20.90 -1.04 -24.66
C GLY B 60 21.24 -0.27 -23.40
N MET B 61 21.38 -0.97 -22.27
CA MET B 61 21.69 -0.29 -20.98
C MET B 61 23.10 -0.69 -20.53
N SER B 62 23.78 0.24 -19.87
CA SER B 62 25.05 0.03 -19.16
C SER B 62 26.01 -0.72 -20.10
N ARG B 63 26.49 -1.91 -19.74
CA ARG B 63 27.55 -2.61 -20.51
C ARG B 63 26.95 -3.59 -21.49
N SER B 64 25.63 -3.63 -21.61
CA SER B 64 24.94 -4.38 -22.68
C SER B 64 24.47 -3.38 -23.74
N ALA B 65 25.10 -2.22 -23.87
CA ALA B 65 24.63 -1.14 -24.80
C ALA B 65 24.73 -1.57 -26.27
N LYS B 66 25.60 -2.51 -26.61
CA LYS B 66 25.80 -2.89 -28.03
C LYS B 66 24.62 -3.78 -28.44
N ALA B 67 23.61 -3.21 -29.07
CA ALA B 67 22.40 -3.99 -29.39
C ALA B 67 21.58 -3.23 -30.41
N PRO B 68 20.82 -3.92 -31.29
CA PRO B 68 19.96 -3.23 -32.24
C PRO B 68 18.87 -2.42 -31.53
N ALA B 69 18.40 -1.34 -32.16
CA ALA B 69 17.56 -0.30 -31.53
C ALA B 69 16.24 -0.94 -31.13
N GLU B 70 15.82 -1.94 -31.87
CA GLU B 70 14.59 -2.72 -31.61
C GLU B 70 14.56 -3.17 -30.14
N THR B 71 15.72 -3.39 -29.53
CA THR B 71 15.83 -4.13 -28.25
C THR B 71 15.66 -3.16 -27.11
N TYR B 72 15.76 -1.85 -27.39
CA TYR B 72 15.54 -0.81 -26.36
C TYR B 72 14.54 0.27 -26.85
N THR B 73 13.66 -0.05 -27.80
CA THR B 73 12.57 0.88 -28.21
C THR B 73 11.28 0.10 -28.22
N GLU B 74 10.15 0.77 -27.96
CA GLU B 74 8.82 0.13 -27.94
C GLU B 74 8.95 -1.19 -27.15
N VAL B 75 9.58 -1.11 -25.98
CA VAL B 75 9.91 -2.30 -25.13
C VAL B 75 8.63 -2.82 -24.48
N THR B 76 8.38 -4.12 -24.62
CA THR B 76 7.31 -4.83 -23.91
C THR B 76 7.91 -5.91 -23.00
N ALA B 77 7.08 -6.44 -22.10
CA ALA B 77 7.47 -7.57 -21.24
C ALA B 77 7.83 -8.75 -22.15
N GLN B 78 7.02 -8.96 -23.20
CA GLN B 78 7.12 -10.13 -24.08
C GLN B 78 8.44 -10.03 -24.86
N LYS B 79 8.82 -8.81 -25.27
CA LYS B 79 10.16 -8.60 -25.88
C LYS B 79 11.27 -8.93 -24.90
N LEU B 80 11.24 -8.35 -23.69
CA LEU B 80 12.33 -8.59 -22.71
C LEU B 80 12.37 -10.09 -22.37
N ALA B 81 11.23 -10.76 -22.30
CA ALA B 81 11.22 -12.20 -21.97
C ALA B 81 11.93 -12.96 -23.09
N SER B 82 11.71 -12.60 -24.35
CA SER B 82 12.40 -13.36 -25.44
C SER B 82 13.90 -13.07 -25.36
N TYR B 83 14.31 -11.86 -24.99
CA TYR B 83 15.77 -11.54 -24.86
C TYR B 83 16.38 -12.35 -23.72
N VAL B 84 15.72 -12.40 -22.56
CA VAL B 84 16.28 -13.18 -21.43
C VAL B 84 16.44 -14.64 -21.87
N ILE B 85 15.44 -15.22 -22.55
CA ILE B 85 15.55 -16.62 -23.04
C ILE B 85 16.79 -16.75 -23.93
N SER B 86 17.08 -15.73 -24.76
CA SER B 86 18.24 -15.76 -25.69
C SER B 86 19.53 -15.87 -24.87
N ILE B 87 19.68 -15.12 -23.79
CA ILE B 87 20.98 -15.23 -23.02
C ILE B 87 20.98 -16.51 -22.16
N LEU B 88 19.85 -17.03 -21.72
CA LEU B 88 19.87 -18.30 -20.94
C LEU B 88 20.27 -19.46 -21.91
N ASP B 89 19.77 -19.46 -23.15
CA ASP B 89 20.17 -20.40 -24.23
C ASP B 89 21.69 -20.32 -24.43
N ALA B 90 22.24 -19.11 -24.56
CA ALA B 90 23.68 -18.87 -24.79
C ALA B 90 24.54 -19.36 -23.62
N LEU B 91 24.05 -19.28 -22.39
CA LEU B 91 24.77 -19.69 -21.16
C LEU B 91 24.44 -21.14 -20.78
N ASP B 92 23.60 -21.81 -21.55
CA ASP B 92 23.10 -23.19 -21.36
C ASP B 92 22.44 -23.33 -19.99
N ILE B 93 21.50 -22.42 -19.66
CA ILE B 93 20.70 -22.48 -18.41
C ILE B 93 19.34 -22.99 -18.81
N LYS B 94 19.10 -24.26 -18.53
CA LYS B 94 17.92 -24.96 -19.08
C LYS B 94 16.70 -24.65 -18.22
N HIS B 95 16.87 -24.55 -16.90
N HIS B 95 16.88 -24.63 -16.89
CA HIS B 95 15.76 -24.44 -15.90
CA HIS B 95 15.79 -24.46 -15.89
C HIS B 95 16.23 -23.47 -14.82
C HIS B 95 16.30 -23.41 -14.92
N ALA B 96 15.48 -22.38 -14.63
CA ALA B 96 15.90 -21.28 -13.75
C ALA B 96 14.75 -20.76 -12.88
N THR B 97 15.10 -20.43 -11.64
CA THR B 97 14.33 -19.50 -10.79
C THR B 97 14.66 -18.06 -11.25
N VAL B 98 13.67 -17.20 -11.43
CA VAL B 98 13.90 -15.80 -11.85
C VAL B 98 13.28 -14.82 -10.87
N TRP B 99 13.99 -13.71 -10.68
CA TRP B 99 13.54 -12.53 -9.92
C TRP B 99 13.45 -11.37 -10.90
N GLY B 100 12.48 -10.50 -10.71
CA GLY B 100 12.47 -9.22 -11.43
C GLY B 100 11.61 -8.18 -10.75
N CYS B 101 12.09 -6.94 -10.71
CA CYS B 101 11.38 -5.78 -10.20
C CYS B 101 10.96 -4.87 -11.34
N SER B 102 9.73 -4.34 -11.28
CA SER B 102 9.25 -3.30 -12.20
C SER B 102 9.15 -3.86 -13.62
N SER B 103 9.81 -3.30 -14.63
CA SER B 103 9.76 -3.94 -15.99
C SER B 103 10.34 -5.37 -15.90
N GLY B 104 11.25 -5.61 -14.98
CA GLY B 104 11.76 -6.95 -14.69
C GLY B 104 10.67 -7.84 -14.15
N ALA B 105 9.76 -7.30 -13.33
CA ALA B 105 8.62 -8.10 -12.81
C ALA B 105 7.77 -8.53 -14.00
N SER B 106 7.44 -7.60 -14.86
CA SER B 106 6.64 -7.88 -16.06
C SER B 106 7.36 -8.95 -16.88
N THR B 107 8.67 -8.81 -17.01
CA THR B 107 9.49 -9.81 -17.75
C THR B 107 9.36 -11.21 -17.14
N VAL B 108 9.48 -11.36 -15.82
CA VAL B 108 9.58 -12.73 -15.22
C VAL B 108 8.22 -13.40 -15.31
N VAL B 109 7.14 -12.62 -15.21
CA VAL B 109 5.79 -13.22 -15.37
C VAL B 109 5.57 -13.66 -16.83
N ALA B 110 5.93 -12.84 -17.80
CA ALA B 110 5.89 -13.21 -19.24
C ALA B 110 6.79 -14.46 -19.47
N LEU B 111 7.93 -14.54 -18.78
CA LEU B 111 8.82 -15.75 -18.86
C LEU B 111 8.07 -16.98 -18.35
N LEU B 112 7.42 -16.87 -17.20
CA LEU B 112 6.79 -18.04 -16.56
C LEU B 112 5.64 -18.50 -17.46
N LEU B 113 4.84 -17.56 -17.94
CA LEU B 113 3.64 -17.88 -18.75
C LEU B 113 4.09 -18.42 -20.11
N GLY B 114 5.08 -17.80 -20.72
CA GLY B 114 5.46 -18.09 -22.12
C GLY B 114 6.44 -19.24 -22.25
N TYR B 115 7.18 -19.59 -21.19
CA TYR B 115 8.24 -20.62 -21.28
C TYR B 115 8.19 -21.48 -20.03
N PRO B 116 7.05 -22.14 -19.76
CA PRO B 116 6.85 -22.82 -18.49
C PRO B 116 7.91 -23.88 -18.20
N ASP B 117 8.38 -24.54 -19.25
N ASP B 117 8.43 -24.55 -19.23
CA ASP B 117 9.41 -25.61 -19.19
CA ASP B 117 9.41 -25.64 -19.04
C ASP B 117 10.76 -25.04 -18.68
C ASP B 117 10.80 -25.06 -18.76
N ARG B 118 11.00 -23.74 -18.87
CA ARG B 118 12.31 -23.11 -18.60
C ARG B 118 12.37 -22.53 -17.18
N ILE B 119 11.21 -22.34 -16.55
CA ILE B 119 11.09 -21.47 -15.35
C ILE B 119 10.60 -22.34 -14.20
N ARG B 120 11.44 -22.56 -13.21
CA ARG B 120 11.04 -23.28 -11.97
C ARG B 120 10.01 -22.43 -11.23
N ASN B 121 10.29 -21.16 -11.04
CA ASN B 121 9.40 -20.25 -10.26
C ASN B 121 9.86 -18.82 -10.49
N ALA B 122 8.96 -17.85 -10.34
CA ALA B 122 9.23 -16.42 -10.63
C ALA B 122 8.88 -15.62 -9.39
N MET B 123 9.76 -14.71 -9.01
CA MET B 123 9.49 -13.70 -7.96
C MET B 123 9.31 -12.36 -8.70
N CYS B 124 8.12 -11.78 -8.64
CA CYS B 124 7.83 -10.46 -9.24
C CYS B 124 7.63 -9.43 -8.16
N HIS B 125 8.27 -8.27 -8.31
CA HIS B 125 8.18 -7.14 -7.37
C HIS B 125 7.69 -5.91 -8.11
N GLU B 126 6.59 -5.30 -7.63
CA GLU B 126 6.12 -3.97 -8.08
C GLU B 126 5.98 -3.93 -9.61
N LEU B 127 5.02 -4.70 -10.12
CA LEU B 127 4.79 -4.82 -11.56
C LEU B 127 4.01 -3.58 -12.01
N PRO B 128 4.52 -2.80 -12.99
CA PRO B 128 3.83 -1.59 -13.44
C PRO B 128 2.75 -1.82 -14.51
N THR B 129 1.49 -1.68 -14.13
CA THR B 129 0.31 -1.97 -14.97
C THR B 129 -0.35 -0.68 -15.48
N LYS B 130 0.08 0.50 -15.04
CA LYS B 130 -0.64 1.76 -15.35
C LYS B 130 0.30 2.73 -16.03
N LEU B 131 -0.18 3.39 -17.08
CA LEU B 131 0.51 4.53 -17.73
C LEU B 131 0.57 5.71 -16.74
N LEU B 132 1.72 6.36 -16.65
CA LEU B 132 2.00 7.52 -15.78
C LEU B 132 2.47 8.68 -16.66
N ASP B 133 1.66 9.72 -16.75
CA ASP B 133 1.90 10.83 -17.72
C ASP B 133 3.23 11.50 -17.40
N HIS B 134 3.53 11.74 -16.13
CA HIS B 134 4.76 12.46 -15.69
C HIS B 134 6.02 11.66 -16.04
N LEU B 135 5.92 10.33 -16.18
CA LEU B 135 7.04 9.47 -16.65
C LEU B 135 7.05 9.42 -18.19
N SER B 136 5.91 9.16 -18.84
CA SER B 136 5.81 9.13 -20.33
C SER B 136 6.30 10.46 -20.95
N ASN B 137 6.12 11.58 -20.26
CA ASN B 137 6.42 12.95 -20.78
C ASN B 137 7.92 13.23 -20.74
N THR B 138 8.72 12.51 -19.93
CA THR B 138 10.19 12.66 -19.95
C THR B 138 10.76 12.32 -21.35
N ALA B 139 10.08 11.45 -22.12
CA ALA B 139 10.60 10.85 -23.38
C ALA B 139 10.99 11.93 -24.41
N VAL B 140 10.27 13.05 -24.46
CA VAL B 140 10.39 14.11 -25.49
C VAL B 140 11.34 15.22 -25.00
N LEU B 141 11.95 15.11 -23.83
CA LEU B 141 12.90 16.14 -23.33
C LEU B 141 14.31 15.87 -23.85
N GLU B 142 15.24 16.77 -23.52
CA GLU B 142 16.69 16.71 -23.86
C GLU B 142 17.40 15.76 -22.89
N ASP B 143 18.32 14.95 -23.40
CA ASP B 143 19.04 13.91 -22.64
C ASP B 143 19.39 14.40 -21.23
N GLU B 144 20.08 15.53 -21.12
CA GLU B 144 20.67 15.96 -19.82
C GLU B 144 19.57 16.45 -18.87
N GLU B 145 18.41 16.84 -19.41
CA GLU B 145 17.23 17.15 -18.60
C GLU B 145 16.64 15.85 -18.05
N ILE B 146 16.54 14.81 -18.90
CA ILE B 146 15.97 13.48 -18.50
C ILE B 146 16.83 12.95 -17.37
N SER B 147 18.15 12.95 -17.52
CA SER B 147 19.06 12.34 -16.54
C SER B 147 18.99 13.11 -15.21
N ASN B 148 18.84 14.44 -15.24
CA ASN B 148 18.83 15.24 -13.99
C ASN B 148 17.50 14.98 -13.25
N ILE B 149 16.40 14.88 -14.01
CA ILE B 149 15.05 14.62 -13.46
C ILE B 149 15.03 13.20 -12.86
N LEU B 150 15.47 12.20 -13.64
CA LEU B 150 15.24 10.79 -13.25
C LEU B 150 16.25 10.38 -12.17
N ALA B 151 17.44 11.00 -12.11
CA ALA B 151 18.41 10.76 -11.01
C ALA B 151 17.80 11.23 -9.69
N ASN B 152 17.04 12.31 -9.75
CA ASN B 152 16.41 12.92 -8.58
C ASN B 152 15.23 12.07 -8.11
N VAL B 153 14.43 11.59 -9.06
CA VAL B 153 13.31 10.64 -8.79
C VAL B 153 13.86 9.38 -8.12
N MET B 154 14.90 8.78 -8.67
CA MET B 154 15.42 7.52 -8.11
C MET B 154 15.87 7.80 -6.68
N LEU B 155 16.65 8.86 -6.46
CA LEU B 155 17.27 9.10 -5.13
C LEU B 155 16.18 9.48 -4.13
N ASN B 156 15.34 10.47 -4.44
CA ASN B 156 14.46 11.09 -3.41
C ASN B 156 13.06 10.45 -3.37
N ASP B 157 12.55 9.83 -4.43
CA ASP B 157 11.18 9.26 -4.44
C ASP B 157 11.14 7.74 -4.23
N VAL B 158 11.97 6.91 -4.87
CA VAL B 158 11.66 5.45 -4.94
C VAL B 158 12.85 4.58 -4.54
N SER B 159 14.00 5.15 -4.15
CA SER B 159 15.21 4.35 -3.79
C SER B 159 14.88 3.49 -2.56
N GLY B 160 14.07 3.99 -1.63
CA GLY B 160 13.79 3.25 -0.37
C GLY B 160 14.97 3.22 0.59
N GLY B 161 16.00 4.05 0.34
CA GLY B 161 17.19 4.18 1.23
C GLY B 161 18.26 5.02 0.56
N SER B 162 18.23 6.33 0.78
CA SER B 162 19.01 7.31 -0.01
C SER B 162 20.51 7.09 0.22
N GLU B 163 20.90 6.70 1.42
CA GLU B 163 22.31 6.40 1.76
C GLU B 163 22.84 5.23 0.91
N ALA B 164 22.13 4.09 0.86
CA ALA B 164 22.58 2.90 0.09
C ALA B 164 22.51 3.21 -1.39
N TRP B 165 21.56 4.06 -1.81
CA TRP B 165 21.50 4.45 -3.24
C TRP B 165 22.76 5.24 -3.62
N GLN B 166 23.18 6.18 -2.78
CA GLN B 166 24.35 7.04 -3.09
C GLN B 166 25.60 6.16 -3.00
N ALA B 167 25.62 5.18 -2.10
CA ALA B 167 26.77 4.27 -1.92
C ALA B 167 26.95 3.36 -3.14
N LEU B 168 26.05 3.35 -4.12
CA LEU B 168 26.35 2.60 -5.36
C LEU B 168 27.59 3.21 -6.04
N GLY B 169 27.91 4.51 -5.82
CA GLY B 169 29.19 5.10 -6.23
C GLY B 169 29.17 5.76 -7.60
N VAL B 170 30.28 6.41 -7.95
CA VAL B 170 30.42 7.30 -9.13
C VAL B 170 30.22 6.49 -10.40
N GLU B 171 30.88 5.32 -10.48
CA GLU B 171 30.88 4.56 -11.75
C GLU B 171 29.46 4.10 -12.08
N VAL B 172 28.76 3.58 -11.08
CA VAL B 172 27.36 3.11 -11.32
C VAL B 172 26.49 4.32 -11.69
N HIS B 173 26.57 5.41 -10.95
CA HIS B 173 25.69 6.58 -11.21
C HIS B 173 26.00 7.19 -12.59
N ALA B 174 27.22 6.98 -13.10
CA ALA B 174 27.59 7.49 -14.45
C ALA B 174 26.96 6.59 -15.50
N ARG B 175 26.91 5.27 -15.27
CA ARG B 175 26.23 4.38 -16.26
C ARG B 175 24.73 4.70 -16.22
N LEU B 176 24.17 4.97 -15.03
CA LEU B 176 22.71 5.26 -14.94
C LEU B 176 22.41 6.56 -15.69
N HIS B 177 23.29 7.54 -15.58
CA HIS B 177 23.16 8.84 -16.30
C HIS B 177 22.89 8.59 -17.77
N LYS B 178 23.62 7.69 -18.43
CA LYS B 178 23.40 7.40 -19.86
C LYS B 178 22.13 6.58 -20.07
N ASN B 179 21.75 5.73 -19.11
CA ASN B 179 20.56 4.84 -19.30
C ASN B 179 19.25 5.65 -19.26
N TYR B 180 19.18 6.69 -18.45
CA TYR B 180 17.92 7.42 -18.16
C TYR B 180 17.21 7.82 -19.44
N PRO B 181 17.87 8.50 -20.41
CA PRO B 181 17.21 8.83 -21.67
C PRO B 181 16.78 7.61 -22.48
N VAL B 182 17.60 6.56 -22.50
CA VAL B 182 17.27 5.30 -23.21
C VAL B 182 16.00 4.72 -22.59
N TRP B 183 15.99 4.61 -21.26
CA TRP B 183 14.80 4.10 -20.53
C TRP B 183 13.58 4.99 -20.86
N ALA B 184 13.71 6.32 -20.74
CA ALA B 184 12.60 7.28 -20.96
C ALA B 184 11.97 7.11 -22.33
N ARG B 185 12.79 6.91 -23.36
CA ARG B 185 12.27 6.75 -24.74
C ARG B 185 11.71 5.36 -25.04
N GLY B 186 12.18 4.31 -24.37
CA GLY B 186 11.79 2.93 -24.78
C GLY B 186 10.78 2.22 -23.86
N TYR B 187 10.63 2.66 -22.61
CA TYR B 187 9.93 1.86 -21.55
C TYR B 187 8.56 2.43 -21.14
N PRO B 188 8.47 3.65 -20.58
CA PRO B 188 7.26 4.05 -19.85
C PRO B 188 5.98 4.08 -20.70
N ARG B 189 6.11 4.20 -22.04
CA ARG B 189 4.90 4.33 -22.89
C ARG B 189 4.43 2.96 -23.35
N THR B 190 5.28 1.94 -23.34
CA THR B 190 4.94 0.61 -23.87
C THR B 190 4.99 -0.49 -22.79
N ILE B 191 5.69 -0.29 -21.67
CA ILE B 191 5.75 -1.39 -20.64
C ILE B 191 4.37 -1.62 -20.04
N PRO B 192 3.70 -0.60 -19.46
CA PRO B 192 2.50 -0.88 -18.69
C PRO B 192 1.40 -1.60 -19.45
N PRO B 193 1.08 -1.21 -20.70
CA PRO B 193 0.06 -1.93 -21.45
C PRO B 193 0.40 -3.40 -21.71
N SER B 194 1.66 -3.80 -21.62
CA SER B 194 2.10 -5.19 -21.90
C SER B 194 2.09 -6.06 -20.64
N ALA B 195 1.65 -5.52 -19.49
CA ALA B 195 1.63 -6.24 -18.20
C ALA B 195 0.82 -7.52 -18.39
N PRO B 196 1.37 -8.73 -18.16
CA PRO B 196 0.62 -9.97 -18.34
C PRO B 196 -0.30 -10.35 -17.18
N VAL B 197 -1.10 -9.40 -16.72
CA VAL B 197 -1.98 -9.56 -15.53
C VAL B 197 -3.42 -9.32 -15.94
N GLN B 198 -3.70 -9.13 -17.22
CA GLN B 198 -5.10 -8.98 -17.69
C GLN B 198 -5.82 -10.31 -17.42
N ASP B 199 -5.21 -11.44 -17.79
CA ASP B 199 -5.86 -12.78 -17.64
C ASP B 199 -5.57 -13.34 -16.24
N VAL B 200 -6.44 -13.07 -15.30
CA VAL B 200 -6.27 -13.49 -13.87
C VAL B 200 -6.25 -15.01 -13.78
N GLU B 201 -7.07 -15.71 -14.56
CA GLU B 201 -7.10 -17.19 -14.48
C GLU B 201 -5.80 -17.80 -14.99
N ALA B 202 -5.07 -17.14 -15.89
CA ALA B 202 -3.79 -17.70 -16.38
C ALA B 202 -2.76 -17.71 -15.23
N LEU B 203 -2.91 -16.84 -14.23
CA LEU B 203 -1.94 -16.77 -13.12
C LEU B 203 -2.26 -17.84 -12.06
N ARG B 204 -3.51 -18.34 -12.01
CA ARG B 204 -3.96 -19.18 -10.87
C ARG B 204 -3.19 -20.51 -10.89
N GLY B 205 -2.64 -20.89 -9.74
CA GLY B 205 -1.86 -22.13 -9.59
C GLY B 205 -0.46 -22.05 -10.18
N LYS B 206 0.00 -20.93 -10.71
CA LYS B 206 1.38 -20.84 -11.24
C LYS B 206 2.39 -20.64 -10.10
N PRO B 207 3.66 -21.10 -10.27
CA PRO B 207 4.73 -20.93 -9.27
C PRO B 207 5.30 -19.52 -9.26
N LEU B 208 4.50 -18.60 -8.72
CA LEU B 208 4.70 -17.15 -8.73
C LEU B 208 4.62 -16.64 -7.28
N ASP B 209 5.60 -15.86 -6.86
CA ASP B 209 5.64 -15.19 -5.54
C ASP B 209 5.80 -13.68 -5.78
N TRP B 210 4.88 -12.89 -5.26
CA TRP B 210 4.71 -11.47 -5.65
C TRP B 210 5.01 -10.63 -4.41
N THR B 211 5.79 -9.57 -4.56
CA THR B 211 6.04 -8.61 -3.47
C THR B 211 5.76 -7.18 -3.94
N VAL B 212 5.48 -6.34 -2.96
CA VAL B 212 5.43 -4.86 -3.05
C VAL B 212 6.33 -4.29 -1.94
N GLY B 213 6.89 -3.10 -2.18
CA GLY B 213 7.71 -2.44 -1.16
C GLY B 213 6.86 -1.95 -0.01
N ALA B 214 7.29 -2.24 1.21
CA ALA B 214 6.59 -1.88 2.45
C ALA B 214 6.44 -0.38 2.57
N ALA B 215 7.43 0.40 2.11
CA ALA B 215 7.44 1.87 2.26
C ALA B 215 6.84 2.52 1.03
N THR B 216 6.59 1.81 -0.05
CA THR B 216 6.00 2.46 -1.24
C THR B 216 4.61 3.03 -0.90
N PRO B 217 4.23 4.25 -1.36
CA PRO B 217 2.85 4.74 -1.15
C PRO B 217 1.83 3.70 -1.65
N THR B 218 0.77 3.49 -0.89
CA THR B 218 -0.24 2.45 -1.16
C THR B 218 -0.76 2.57 -2.60
N GLU B 219 -0.96 3.79 -3.10
CA GLU B 219 -1.52 4.05 -4.44
C GLU B 219 -0.70 3.35 -5.54
N SER B 220 0.61 3.25 -5.43
CA SER B 220 1.50 2.81 -6.54
C SER B 220 1.21 1.37 -6.98
N PHE B 221 1.12 0.42 -6.05
CA PHE B 221 0.96 -1.02 -6.41
C PHE B 221 -0.27 -1.65 -5.74
N PHE B 222 -1.23 -0.83 -5.36
CA PHE B 222 -2.58 -1.29 -4.93
C PHE B 222 -3.09 -2.37 -5.89
N ASP B 223 -3.02 -2.10 -7.19
CA ASP B 223 -3.58 -3.01 -8.23
C ASP B 223 -2.89 -4.39 -8.17
N ASN B 224 -1.59 -4.41 -7.86
CA ASN B 224 -0.84 -5.69 -7.74
C ASN B 224 -1.49 -6.53 -6.65
N ILE B 225 -1.79 -5.92 -5.51
CA ILE B 225 -2.30 -6.65 -4.34
C ILE B 225 -3.68 -7.23 -4.70
N VAL B 226 -4.49 -6.43 -5.38
CA VAL B 226 -5.85 -6.84 -5.80
C VAL B 226 -5.70 -8.03 -6.75
N THR B 227 -4.91 -7.88 -7.80
CA THR B 227 -4.72 -8.94 -8.82
C THR B 227 -4.19 -10.23 -8.16
N ALA B 228 -3.13 -10.15 -7.36
CA ALA B 228 -2.52 -11.35 -6.76
C ALA B 228 -3.59 -12.06 -5.95
N THR B 229 -4.37 -11.29 -5.18
CA THR B 229 -5.37 -11.88 -4.27
C THR B 229 -6.48 -12.56 -5.12
N LYS B 230 -6.95 -11.92 -6.19
CA LYS B 230 -7.96 -12.54 -7.08
C LYS B 230 -7.45 -13.85 -7.68
N ALA B 231 -6.17 -13.93 -8.00
CA ALA B 231 -5.55 -15.12 -8.64
C ALA B 231 -5.11 -16.14 -7.61
N GLY B 232 -5.20 -15.81 -6.32
CA GLY B 232 -4.72 -16.73 -5.28
C GLY B 232 -3.21 -16.84 -5.27
N VAL B 233 -2.50 -15.86 -5.81
CA VAL B 233 -1.02 -15.88 -5.85
C VAL B 233 -0.49 -15.36 -4.51
N ASN B 234 0.55 -16.02 -4.00
N ASN B 234 0.55 -16.01 -3.99
CA ASN B 234 1.31 -15.59 -2.81
CA ASN B 234 1.27 -15.61 -2.75
C ASN B 234 1.73 -14.13 -2.99
C ASN B 234 1.76 -14.17 -2.94
N ILE B 235 1.35 -13.25 -2.07
CA ILE B 235 1.72 -11.82 -2.17
C ILE B 235 2.13 -11.37 -0.78
N GLY B 236 3.20 -10.60 -0.70
CA GLY B 236 3.76 -10.10 0.55
C GLY B 236 4.60 -8.89 0.31
N LEU B 237 5.35 -8.50 1.32
CA LEU B 237 6.09 -7.23 1.28
C LEU B 237 7.58 -7.51 1.42
N LEU B 238 8.38 -6.60 0.88
CA LEU B 238 9.81 -6.51 1.24
C LEU B 238 10.02 -5.14 1.80
N PRO B 239 11.04 -4.94 2.66
CA PRO B 239 11.31 -3.60 3.17
C PRO B 239 11.67 -2.67 2.02
N GLY B 240 11.44 -1.38 2.22
CA GLY B 240 11.85 -0.33 1.28
C GLY B 240 10.87 -0.14 0.14
N MET B 241 11.38 0.21 -1.04
CA MET B 241 10.51 0.60 -2.16
C MET B 241 10.89 -0.19 -3.42
N ALA B 242 11.37 0.48 -4.45
CA ALA B 242 11.56 -0.10 -5.80
C ALA B 242 12.83 -0.94 -5.87
N PHE B 243 13.77 -0.80 -4.91
CA PHE B 243 15.13 -1.40 -5.04
C PHE B 243 15.51 -2.13 -3.77
N PRO B 244 14.74 -3.19 -3.38
CA PRO B 244 15.04 -3.90 -2.14
C PRO B 244 16.47 -4.47 -2.16
N TYR B 245 16.98 -4.85 -3.33
CA TYR B 245 18.35 -5.43 -3.46
C TYR B 245 19.42 -4.35 -3.22
N VAL B 246 19.08 -3.06 -3.30
CA VAL B 246 20.01 -1.96 -2.91
C VAL B 246 19.75 -1.57 -1.45
N SER B 247 18.50 -1.28 -1.08
CA SER B 247 18.17 -0.72 0.26
C SER B 247 18.40 -1.77 1.34
N HIS B 248 18.13 -3.04 1.07
CA HIS B 248 18.11 -4.08 2.11
C HIS B 248 18.65 -5.38 1.55
N PRO B 249 19.93 -5.41 1.12
CA PRO B 249 20.44 -6.55 0.35
C PRO B 249 20.45 -7.91 1.10
N ASP B 250 20.60 -7.92 2.42
CA ASP B 250 20.57 -9.16 3.25
C ASP B 250 19.14 -9.73 3.31
N VAL B 251 18.16 -8.88 3.53
CA VAL B 251 16.73 -9.30 3.54
C VAL B 251 16.36 -9.80 2.14
N PHE B 252 16.81 -9.11 1.11
CA PHE B 252 16.53 -9.50 -0.29
C PHE B 252 17.12 -10.89 -0.53
N ALA B 253 18.37 -11.08 -0.14
CA ALA B 253 19.08 -12.36 -0.40
C ALA B 253 18.36 -13.51 0.31
N LYS B 254 18.00 -13.30 1.57
CA LYS B 254 17.28 -14.34 2.34
C LYS B 254 15.95 -14.69 1.63
N TYR B 255 15.23 -13.69 1.16
CA TYR B 255 13.93 -13.88 0.48
C TYR B 255 14.13 -14.76 -0.75
N VAL B 256 15.15 -14.46 -1.55
CA VAL B 256 15.38 -15.21 -2.81
C VAL B 256 15.75 -16.67 -2.48
N VAL B 257 16.59 -16.87 -1.48
CA VAL B 257 17.07 -18.23 -1.10
C VAL B 257 15.87 -19.01 -0.54
N GLU B 258 15.14 -18.41 0.41
CA GLU B 258 14.01 -19.14 1.03
C GLU B 258 12.95 -19.47 -0.02
N THR B 259 12.63 -18.53 -0.90
CA THR B 259 11.56 -18.76 -1.91
C THR B 259 12.02 -19.88 -2.85
N THR B 260 13.26 -19.85 -3.27
CA THR B 260 13.75 -20.88 -4.20
C THR B 260 13.71 -22.23 -3.46
N GLN B 261 14.18 -22.29 -2.21
CA GLN B 261 14.17 -23.57 -1.44
C GLN B 261 12.74 -24.10 -1.32
N LYS B 262 11.75 -23.22 -1.12
CA LYS B 262 10.34 -23.65 -1.02
C LYS B 262 9.87 -24.30 -2.34
N HIS B 263 10.24 -23.77 -3.50
CA HIS B 263 9.82 -24.37 -4.81
C HIS B 263 10.66 -25.61 -5.12
N LEU B 264 11.89 -25.68 -4.65
CA LEU B 264 12.66 -26.95 -4.83
C LEU B 264 11.99 -28.10 -4.05
N TRP B 265 11.48 -27.83 -2.85
CA TRP B 265 10.79 -28.86 -2.04
C TRP B 265 9.50 -29.26 -2.77
N ASN B 266 8.70 -28.26 -3.15
CA ASN B 266 7.37 -28.45 -3.77
C ASN B 266 7.52 -29.21 -5.09
N SER B 267 8.60 -29.05 -5.85
CA SER B 267 8.78 -29.79 -7.13
C SER B 267 8.93 -31.31 -6.91
N SER B 268 9.40 -31.83 -5.76
CA SER B 268 9.46 -33.31 -5.48
C SER B 268 8.42 -33.69 -4.42
O12 ZER C . -7.64 5.33 15.88
C12 ZER C . -6.48 4.96 15.58
O10 ZER C . -5.57 5.81 14.85
C10 ZER C . -6.10 7.04 14.36
C11 ZER C . -6.06 8.04 15.52
C9P ZER C . -5.27 7.43 13.14
C1 ZER C . -5.90 3.63 16.04
C2 ZER C . -6.57 3.07 17.10
O2 ZER C . -7.61 3.74 17.65
C3 ZER C . -6.15 1.89 17.64
C4 ZER C . -5.09 1.26 17.10
O4 ZER C . -4.74 0.07 17.63
C5 ZER C . -4.44 1.79 15.99
C6 ZER C . -4.83 2.98 15.43
C1P ZER C . -4.09 3.51 14.21
C2P ZER C . -2.97 2.92 13.72
C3P ZER C . -2.20 3.35 12.47
C4P ZER C . -0.90 4.12 12.80
C5P ZER C . -1.10 5.37 13.66
C6P ZER C . -2.18 6.31 13.05
O6P ZER C . -2.38 6.36 11.81
C7P ZER C . -2.95 7.20 14.04
C8P ZER C . -3.93 8.13 13.32
C1 GOL D . -1.51 -0.96 10.89
O1 GOL D . -0.63 -1.85 10.22
C2 GOL D . -1.95 -1.58 12.20
O2 GOL D . -2.96 -2.58 12.04
C3 GOL D . -2.42 -0.54 13.18
O3 GOL D . -2.92 -1.18 14.34
O12 ZER E . 11.39 -0.27 -14.43
C12 ZER E . 10.63 0.66 -14.05
O10 ZER E . 10.93 1.45 -12.87
C10 ZER E . 12.07 1.04 -12.13
C11 ZER E . 13.33 1.63 -12.75
C9P ZER E . 11.85 1.42 -10.65
C1 ZER E . 9.41 1.11 -14.84
C2 ZER E . 9.42 0.80 -16.19
O2 ZER E . 10.47 0.12 -16.68
C3 ZER E . 8.37 1.17 -17.02
C4 ZER E . 7.30 1.87 -16.48
O4 ZER E . 6.26 2.25 -17.26
C5 ZER E . 7.26 2.19 -15.12
C6 ZER E . 8.29 1.82 -14.29
C1P ZER E . 8.20 2.15 -12.83
C2P ZER E . 7.20 2.88 -12.34
C3P ZER E . 7.07 3.16 -10.87
C4P ZER E . 7.45 4.58 -10.42
C5P ZER E . 8.90 4.94 -10.76
C6P ZER E . 9.89 3.95 -10.19
O6P ZER E . 9.57 3.27 -9.19
C7P ZER E . 11.25 3.89 -10.93
C8P ZER E . 12.20 2.87 -10.34
C1 GOL F . 3.45 2.75 -12.65
O1 GOL F . 3.56 2.41 -14.04
C2 GOL F . 2.46 1.86 -11.94
O2 GOL F . 1.60 1.27 -12.90
C3 GOL F . 1.62 2.54 -10.89
O3 GOL F . 2.47 3.17 -9.96
C1 GOL G . 7.88 -5.89 -31.94
O1 GOL G . 6.64 -5.21 -32.01
C2 GOL G . 8.99 -4.87 -31.90
O2 GOL G . 10.20 -5.47 -32.29
C3 GOL G . 8.70 -3.64 -32.73
O3 GOL G . 9.53 -2.55 -32.31
#